data_6YQI
#
_entry.id   6YQI
#
_cell.length_a   58.107
_cell.length_b   72.482
_cell.length_c   108.739
_cell.angle_alpha   90.000
_cell.angle_beta   90.000
_cell.angle_gamma   90.000
#
_symmetry.space_group_name_H-M   'P 21 21 21'
#
loop_
_entity.id
_entity.type
_entity.pdbx_description
1 polymer 'cAMP-dependent protein kinase catalytic subunit alpha'
2 polymer 'cAMP-dependent protein kinase inhibitor alpha'
3 non-polymer ~{N}-[2-(propylamino)ethyl]isoquinoline-5-sulfonamide
4 water water
#
loop_
_entity_poly.entity_id
_entity_poly.type
_entity_poly.pdbx_seq_one_letter_code
_entity_poly.pdbx_strand_id
1 'polypeptide(L)'
;GHMGNAAAAKKG(SEP)EQESVKEFLAKAKEEFLKKWESPSQNTAQLDHFDRIKTLGTGSFGRVMLVKHKETGNHYAMKI
LDKQKVVKLKQIEHTLNEKRILQAVNFPFLVKLEFSFKDNSNLYMVMEYVPGGEMFSHLRRIGRF(SEP)EPHARFYAAQ
IVLTFEYLHSLDLIYRDLKPENLLIDQQGYIQVTDFGFAKRVKGRTW(TPO)LCGTPEYLAPEIILSKGYNKAVDWWALG
VLIYEMAAGYPPFFADQPIQIYEKIVSGKVRFPSHFSSDLKDLLRNLLQVDLTKRFGNLKNGVNDIKNHKWFATTDWIAI
YQRKVEAPFIPKFKGPGDTSNFDDYEEEEIRV(SEP)INEKCGKEFTEF
;
A
2 'polypeptide(L)' IAAGRTGRRQAIHDILVAA B
#
# COMPACT_ATOMS: atom_id res chain seq x y z
N GLY A 1 12.54 -34.81 4.83
CA GLY A 1 12.28 -33.36 5.00
C GLY A 1 10.81 -33.05 4.92
N HIS A 2 10.48 -31.75 4.94
CA HIS A 2 9.08 -31.34 4.86
C HIS A 2 8.46 -31.69 3.51
N MET A 3 9.22 -31.53 2.43
CA MET A 3 8.72 -31.82 1.10
C MET A 3 9.36 -33.09 0.57
N GLY A 4 8.55 -33.92 -0.08
CA GLY A 4 9.07 -34.98 -0.90
C GLY A 4 9.78 -34.42 -2.12
N ASN A 5 10.32 -35.34 -2.92
CA ASN A 5 11.15 -34.96 -4.05
C ASN A 5 10.37 -34.12 -5.07
N ALA A 6 9.19 -34.61 -5.48
CA ALA A 6 8.42 -33.89 -6.49
C ALA A 6 8.06 -32.49 -6.01
N ALA A 7 7.67 -32.38 -4.75
CA ALA A 7 7.28 -31.07 -4.23
C ALA A 7 8.48 -30.14 -4.15
N ALA A 8 9.62 -30.63 -3.67
CA ALA A 8 10.80 -29.78 -3.57
C ALA A 8 11.24 -29.27 -4.94
N ALA A 9 11.23 -30.15 -5.96
CA ALA A 9 11.62 -29.72 -7.30
C ALA A 9 10.64 -28.71 -7.87
N LYS A 10 9.34 -28.91 -7.66
CA LYS A 10 8.37 -27.94 -8.15
C LYS A 10 8.60 -26.60 -7.49
N LYS A 11 8.86 -26.59 -6.18
CA LYS A 11 9.05 -25.33 -5.48
C LYS A 11 10.32 -24.64 -5.93
N GLY A 12 11.41 -25.37 -6.07
CA GLY A 12 12.65 -24.76 -6.52
C GLY A 12 12.49 -24.11 -7.89
N GLU A 14 9.75 -23.13 -9.28
CA GLU A 14 8.87 -21.97 -9.12
C GLU A 14 9.64 -20.74 -8.64
N GLN A 15 10.57 -20.94 -7.70
CA GLN A 15 11.33 -19.84 -7.16
C GLN A 15 12.31 -19.29 -8.19
N GLU A 16 12.91 -20.15 -9.02
CA GLU A 16 13.75 -19.67 -10.10
C GLU A 16 12.94 -18.90 -11.13
N SER A 17 11.73 -19.36 -11.44
CA SER A 17 10.88 -18.61 -12.36
C SER A 17 10.54 -17.23 -11.80
N VAL A 18 10.36 -17.11 -10.48
CA VAL A 18 10.15 -15.80 -9.88
C VAL A 18 11.34 -14.89 -10.17
N LYS A 19 12.56 -15.41 -10.01
CA LYS A 19 13.75 -14.62 -10.31
C LYS A 19 13.75 -14.14 -11.76
N GLU A 20 13.38 -15.03 -12.68
CA GLU A 20 13.35 -14.66 -14.09
C GLU A 20 12.30 -13.57 -14.35
N PHE A 21 11.12 -13.72 -13.76
CA PHE A 21 10.10 -12.68 -13.86
C PHE A 21 10.62 -11.35 -13.33
N LEU A 22 11.25 -11.36 -12.16
CA LEU A 22 11.66 -10.11 -11.54
C LEU A 22 12.77 -9.44 -12.34
N ALA A 23 13.65 -10.24 -12.96
CA ALA A 23 14.71 -9.65 -13.75
C ALA A 23 14.14 -8.91 -14.95
N LYS A 24 13.13 -9.52 -15.61
CA LYS A 24 12.48 -8.85 -16.73
C LYS A 24 11.72 -7.61 -16.24
N ALA A 25 11.06 -7.70 -15.09
CA ALA A 25 10.33 -6.57 -14.54
C ALA A 25 11.26 -5.41 -14.23
N LYS A 26 12.47 -5.71 -13.77
CA LYS A 26 13.43 -4.64 -13.49
C LYS A 26 13.87 -3.96 -14.78
N GLU A 27 14.15 -4.75 -15.82
CA GLU A 27 14.49 -4.16 -17.10
C GLU A 27 13.39 -3.20 -17.57
N GLU A 28 12.13 -3.62 -17.45
CA GLU A 28 11.04 -2.78 -17.93
C GLU A 28 10.89 -1.52 -17.08
N PHE A 29 10.99 -1.67 -15.76
CA PHE A 29 10.90 -0.52 -14.86
C PHE A 29 11.99 0.51 -15.17
N LEU A 30 13.23 0.06 -15.32
CA LEU A 30 14.33 0.99 -15.54
C LEU A 30 14.17 1.75 -16.86
N LYS A 31 13.69 1.06 -17.91
CA LYS A 31 13.43 1.76 -19.17
C LYS A 31 12.44 2.88 -18.99
N LYS A 32 11.36 2.64 -18.23
CA LYS A 32 10.39 3.70 -17.99
C LYS A 32 10.94 4.76 -17.05
N TRP A 33 11.70 4.33 -16.03
CA TRP A 33 12.32 5.26 -15.09
C TRP A 33 13.25 6.24 -15.79
N GLU A 34 13.72 5.89 -17.00
CA GLU A 34 14.65 6.72 -17.75
C GLU A 34 14.00 7.45 -18.92
N SER A 35 12.96 6.89 -19.54
CA SER A 35 12.27 7.53 -20.66
C SER A 35 10.77 7.55 -20.37
N PRO A 36 10.34 8.32 -19.35
CA PRO A 36 8.92 8.46 -19.03
C PRO A 36 8.12 9.15 -20.13
N THR A 40 0.24 15.47 -19.38
CA THR A 40 -0.50 14.46 -20.13
C THR A 40 -2.00 14.88 -20.25
N ALA A 41 -2.39 15.95 -19.56
CA ALA A 41 -3.78 16.42 -19.61
C ALA A 41 -3.85 17.81 -18.95
N GLN A 42 -5.07 18.33 -18.78
CA GLN A 42 -5.28 19.57 -18.05
C GLN A 42 -6.62 19.53 -17.33
N LEU A 43 -6.78 20.44 -16.35
CA LEU A 43 -7.91 20.34 -15.43
C LEU A 43 -9.25 20.43 -16.15
N ASP A 44 -9.38 21.36 -17.10
CA ASP A 44 -10.69 21.52 -17.73
C ASP A 44 -11.04 20.38 -18.68
N HIS A 45 -10.21 19.35 -18.77
CA HIS A 45 -10.58 18.13 -19.49
C HIS A 45 -11.49 17.22 -18.68
N PHE A 46 -11.77 17.55 -17.42
CA PHE A 46 -12.49 16.66 -16.52
C PHE A 46 -13.63 17.39 -15.84
N ASP A 47 -14.72 16.66 -15.59
CA ASP A 47 -15.79 17.10 -14.71
C ASP A 47 -15.53 16.51 -13.33
N ARG A 48 -15.59 17.35 -12.30
CA ARG A 48 -15.40 16.91 -10.93
C ARG A 48 -16.74 16.46 -10.35
N ILE A 49 -16.78 15.23 -9.82
CA ILE A 49 -18.04 14.62 -9.40
C ILE A 49 -18.17 14.64 -7.88
N LYS A 50 -17.21 14.04 -7.18
CA LYS A 50 -17.37 13.80 -5.76
C LYS A 50 -16.00 13.54 -5.14
N THR A 51 -15.82 13.97 -3.90
CA THR A 51 -14.60 13.64 -3.16
C THR A 51 -14.64 12.20 -2.63
N LEU A 52 -13.61 11.44 -2.94
CA LEU A 52 -13.49 10.04 -2.54
C LEU A 52 -12.68 9.85 -1.26
N GLY A 53 -11.78 10.79 -0.96
CA GLY A 53 -10.95 10.71 0.22
C GLY A 53 -10.17 11.99 0.40
N THR A 54 -9.79 12.27 1.64
CA THR A 54 -9.07 13.50 1.97
C THR A 54 -7.84 13.17 2.81
N GLY A 55 -6.93 14.13 2.89
CA GLY A 55 -5.73 14.00 3.71
C GLY A 55 -4.93 15.29 3.78
N ARG A 59 -6.39 15.81 -1.64
CA ARG A 59 -7.64 15.09 -1.65
C ARG A 59 -7.76 14.37 -2.98
N VAL A 60 -8.63 13.37 -3.03
CA VAL A 60 -8.85 12.58 -4.23
C VAL A 60 -10.31 12.70 -4.63
N MET A 61 -10.53 13.07 -5.88
CA MET A 61 -11.87 13.29 -6.39
C MET A 61 -12.16 12.32 -7.51
N LEU A 62 -13.39 11.79 -7.51
CA LEU A 62 -13.87 11.15 -8.72
C LEU A 62 -14.11 12.20 -9.79
N VAL A 63 -13.55 11.98 -10.98
CA VAL A 63 -13.73 12.87 -12.11
C VAL A 63 -14.16 12.06 -13.32
N LYS A 64 -14.82 12.74 -14.25
CA LYS A 64 -15.21 12.13 -15.51
C LYS A 64 -14.52 12.89 -16.64
N HIS A 65 -13.75 12.16 -17.44
CA HIS A 65 -13.09 12.75 -18.59
C HIS A 65 -14.13 13.14 -19.63
N LYS A 66 -14.09 14.41 -20.05
CA LYS A 66 -15.17 14.93 -20.89
C LYS A 66 -15.20 14.22 -22.24
N GLU A 67 -14.04 14.06 -22.88
CA GLU A 67 -14.02 13.49 -24.22
C GLU A 67 -14.51 12.04 -24.22
N THR A 68 -13.89 11.19 -23.41
CA THR A 68 -14.17 9.75 -23.45
C THR A 68 -15.30 9.33 -22.53
N GLY A 69 -15.61 10.11 -21.50
CA GLY A 69 -16.57 9.69 -20.51
C GLY A 69 -16.04 8.69 -19.50
N ASN A 70 -14.74 8.36 -19.56
CA ASN A 70 -14.16 7.48 -18.57
C ASN A 70 -14.07 8.16 -17.21
N HIS A 71 -14.26 7.39 -16.15
CA HIS A 71 -14.11 7.89 -14.80
C HIS A 71 -12.72 7.58 -14.28
N TYR A 72 -12.22 8.48 -13.43
CA TYR A 72 -10.89 8.38 -12.85
C TYR A 72 -10.92 8.95 -11.44
N ALA A 73 -9.87 8.61 -10.68
CA ALA A 73 -9.64 9.21 -9.36
C ALA A 73 -8.48 10.19 -9.48
N MET A 74 -8.75 11.47 -9.24
CA MET A 74 -7.77 12.54 -9.41
C MET A 74 -7.30 13.03 -8.05
N LYS A 75 -6.02 12.82 -7.78
CA LYS A 75 -5.39 13.33 -6.57
C LYS A 75 -4.94 14.76 -6.82
N ILE A 76 -5.31 15.67 -5.91
CA ILE A 76 -5.02 17.10 -6.01
C ILE A 76 -4.15 17.47 -4.82
N LEU A 77 -2.96 18.02 -5.09
CA LEU A 77 -2.02 18.43 -4.04
C LEU A 77 -1.76 19.92 -4.14
N ASP A 78 -1.87 20.61 -3.02
CA ASP A 78 -1.60 22.05 -2.96
C ASP A 78 -0.09 22.27 -2.89
N LYS A 79 0.46 22.95 -3.89
CA LYS A 79 1.90 23.14 -3.96
C LYS A 79 2.44 23.82 -2.71
N GLN A 80 1.78 24.91 -2.26
CA GLN A 80 2.29 25.61 -1.08
C GLN A 80 2.30 24.72 0.15
N LYS A 81 1.27 23.89 0.32
CA LYS A 81 1.23 22.98 1.46
C LYS A 81 2.34 21.92 1.36
N VAL A 82 2.62 21.44 0.14
CA VAL A 82 3.67 20.44 -0.05
C VAL A 82 5.02 21.01 0.38
N VAL A 83 5.29 22.26 0.03
CA VAL A 83 6.55 22.88 0.42
C VAL A 83 6.63 23.02 1.93
N LYS A 84 5.57 23.55 2.54
CA LYS A 84 5.61 23.83 3.98
C LYS A 84 5.79 22.56 4.79
N LEU A 85 5.22 21.45 4.32
CA LEU A 85 5.31 20.17 5.00
C LEU A 85 6.53 19.36 4.58
N LYS A 86 7.41 19.94 3.77
CA LYS A 86 8.67 19.30 3.39
C LYS A 86 8.43 18.01 2.60
N GLN A 87 7.44 18.03 1.71
CA GLN A 87 7.06 16.85 0.94
C GLN A 87 7.36 16.99 -0.54
N ILE A 88 8.22 17.93 -0.93
CA ILE A 88 8.51 18.12 -2.35
C ILE A 88 9.05 16.83 -2.95
N GLU A 89 10.12 16.30 -2.37
CA GLU A 89 10.76 15.11 -2.92
C GLU A 89 9.83 13.91 -2.86
N HIS A 90 9.05 13.80 -1.78
CA HIS A 90 8.11 12.70 -1.66
C HIS A 90 7.08 12.73 -2.77
N THR A 91 6.63 13.93 -3.14
CA THR A 91 5.61 14.07 -4.18
C THR A 91 6.21 13.77 -5.55
N LEU A 92 7.47 14.16 -5.78
CA LEU A 92 8.13 13.78 -7.01
C LEU A 92 8.35 12.27 -7.07
N ASN A 93 8.69 11.65 -5.94
CA ASN A 93 8.81 10.19 -5.88
C ASN A 93 7.50 9.52 -6.28
N GLU A 94 6.38 9.98 -5.72
CA GLU A 94 5.10 9.32 -5.99
C GLU A 94 4.82 9.30 -7.49
N LYS A 95 4.96 10.44 -8.15
CA LYS A 95 4.67 10.51 -9.58
C LYS A 95 5.63 9.63 -10.37
N ARG A 96 6.93 9.76 -10.12
CA ARG A 96 7.91 9.02 -10.91
C ARG A 96 7.73 7.51 -10.74
N ILE A 97 7.52 7.06 -9.50
CA ILE A 97 7.33 5.65 -9.25
C ILE A 97 6.06 5.14 -9.91
N LEU A 98 4.95 5.87 -9.76
CA LEU A 98 3.70 5.39 -10.33
C LEU A 98 3.78 5.30 -11.85
N GLN A 99 4.49 6.24 -12.49
N GLN A 99 4.48 6.25 -12.48
CA GLN A 99 4.59 6.19 -13.95
CA GLN A 99 4.65 6.21 -13.94
C GLN A 99 5.48 5.07 -14.46
C GLN A 99 5.35 4.94 -14.38
N ALA A 100 6.32 4.48 -13.60
CA ALA A 100 7.27 3.47 -14.06
C ALA A 100 6.93 2.04 -13.67
N VAL A 101 6.10 1.81 -12.63
CA VAL A 101 5.81 0.45 -12.17
C VAL A 101 4.67 -0.13 -12.99
N ASN A 102 4.53 -1.45 -12.92
CA ASN A 102 3.46 -2.15 -13.61
C ASN A 102 3.25 -3.48 -12.88
N PHE A 103 2.12 -3.62 -12.19
CA PHE A 103 1.82 -4.85 -11.44
C PHE A 103 0.31 -4.91 -11.24
N PRO A 104 -0.30 -6.11 -11.19
CA PRO A 104 -1.77 -6.17 -11.19
C PRO A 104 -2.42 -5.56 -9.98
N PHE A 105 -1.69 -5.40 -8.87
CA PHE A 105 -2.25 -4.90 -7.61
C PHE A 105 -1.77 -3.50 -7.27
N LEU A 106 -1.17 -2.80 -8.23
CA LEU A 106 -0.73 -1.42 -8.04
C LEU A 106 -1.60 -0.52 -8.90
N VAL A 107 -2.15 0.54 -8.30
CA VAL A 107 -3.03 1.41 -9.07
C VAL A 107 -2.28 2.04 -10.24
N LYS A 108 -2.97 2.16 -11.37
CA LYS A 108 -2.37 2.70 -12.59
C LYS A 108 -2.58 4.21 -12.69
N LEU A 109 -1.49 4.92 -12.96
CA LEU A 109 -1.52 6.35 -13.20
C LEU A 109 -1.73 6.61 -14.69
N GLU A 110 -2.75 7.41 -15.00
CA GLU A 110 -3.11 7.67 -16.39
C GLU A 110 -2.65 9.04 -16.88
N PHE A 111 -2.72 10.07 -16.04
CA PHE A 111 -2.28 11.41 -16.44
C PHE A 111 -1.65 12.10 -15.23
N SER A 112 -0.78 13.07 -15.51
CA SER A 112 -0.30 13.95 -14.46
C SER A 112 -0.06 15.33 -15.07
N PHE A 113 -0.27 16.37 -14.27
CA PHE A 113 -0.10 17.74 -14.74
C PHE A 113 -0.12 18.68 -13.53
N LYS A 114 0.11 19.96 -13.79
CA LYS A 114 0.17 20.95 -12.71
C LYS A 114 -0.34 22.28 -13.25
N ASP A 115 -0.74 23.16 -12.33
CA ASP A 115 -1.17 24.51 -12.69
C ASP A 115 -0.55 25.48 -11.70
N ASN A 116 -1.07 26.71 -11.65
CA ASN A 116 -0.49 27.72 -10.79
C ASN A 116 -0.49 27.31 -9.33
N SER A 117 -1.48 26.52 -8.89
CA SER A 117 -1.66 26.25 -7.47
C SER A 117 -1.43 24.79 -7.09
N ASN A 118 -1.71 23.85 -7.97
CA ASN A 118 -1.82 22.45 -7.57
C ASN A 118 -1.00 21.53 -8.48
N LEU A 119 -0.73 20.34 -7.95
CA LEU A 119 -0.26 19.18 -8.70
C LEU A 119 -1.43 18.19 -8.81
N TYR A 120 -1.51 17.49 -9.94
CA TYR A 120 -2.59 16.56 -10.19
C TYR A 120 -2.04 15.22 -10.67
N MET A 121 -2.56 14.13 -10.10
CA MET A 121 -2.26 12.78 -10.54
C MET A 121 -3.58 12.06 -10.75
N VAL A 122 -3.84 11.65 -11.98
CA VAL A 122 -5.11 11.06 -12.38
C VAL A 122 -4.90 9.56 -12.53
N MET A 123 -5.59 8.79 -11.69
CA MET A 123 -5.43 7.35 -11.56
C MET A 123 -6.72 6.63 -11.95
N GLU A 124 -6.57 5.33 -12.24
CA GLU A 124 -7.73 4.46 -12.41
C GLU A 124 -8.64 4.56 -11.19
N TYR A 125 -9.96 4.64 -11.45
CA TYR A 125 -10.95 4.64 -10.38
C TYR A 125 -11.26 3.20 -9.97
N VAL A 126 -11.10 2.91 -8.67
CA VAL A 126 -11.29 1.56 -8.15
C VAL A 126 -12.57 1.60 -7.32
N PRO A 127 -13.69 1.10 -7.83
CA PRO A 127 -14.99 1.51 -7.28
C PRO A 127 -15.44 0.73 -6.06
N GLY A 128 -14.72 -0.31 -5.65
CA GLY A 128 -15.18 -1.16 -4.58
C GLY A 128 -14.99 -0.61 -3.19
N GLY A 129 -14.32 0.53 -3.06
CA GLY A 129 -14.06 1.16 -1.78
C GLY A 129 -12.79 0.66 -1.10
N GLU A 130 -12.45 1.32 0.01
CA GLU A 130 -11.27 0.97 0.77
C GLU A 130 -11.52 -0.30 1.57
N MET A 131 -10.48 -1.13 1.68
CA MET A 131 -10.56 -2.27 2.58
C MET A 131 -10.96 -1.83 3.96
N PHE A 132 -10.45 -0.67 4.39
CA PHE A 132 -10.75 -0.12 5.71
C PHE A 132 -12.25 -0.11 6.03
N SER A 133 -13.05 0.45 5.11
N SER A 133 -13.08 0.39 5.11
CA SER A 133 -14.50 0.51 5.31
CA SER A 133 -14.49 0.50 5.46
C SER A 133 -15.07 -0.88 5.52
C SER A 133 -15.19 -0.86 5.47
N HIS A 134 -14.77 -1.80 4.61
CA HIS A 134 -15.32 -3.13 4.67
C HIS A 134 -14.90 -3.83 5.96
N LEU A 135 -13.65 -3.65 6.37
CA LEU A 135 -13.16 -4.27 7.60
C LEU A 135 -13.86 -3.70 8.83
N ARG A 136 -14.00 -2.38 8.90
CA ARG A 136 -14.69 -1.79 10.05
C ARG A 136 -16.15 -2.20 10.11
N ARG A 137 -16.78 -2.36 8.94
CA ARG A 137 -18.20 -2.72 8.89
C ARG A 137 -18.41 -4.16 9.34
N ILE A 138 -17.58 -5.09 8.85
CA ILE A 138 -17.77 -6.51 9.16
C ILE A 138 -17.17 -6.87 10.51
N GLY A 139 -16.20 -6.10 11.00
CA GLY A 139 -15.54 -6.40 12.25
C GLY A 139 -14.16 -6.97 11.99
N ARG A 140 -14.11 -8.22 11.57
N ARG A 140 -14.10 -8.20 11.52
CA ARG A 140 -12.86 -8.88 11.22
CA ARG A 140 -12.84 -8.82 11.18
C ARG A 140 -13.10 -9.76 10.00
C ARG A 140 -13.06 -9.82 10.07
N PHE A 141 -12.00 -10.09 9.33
CA PHE A 141 -12.02 -11.06 8.24
C PHE A 141 -11.62 -12.43 8.79
N GLU A 143 -9.66 -16.03 8.63
CA GLU A 143 -8.29 -16.22 8.18
C GLU A 143 -8.14 -16.46 6.66
N PRO A 144 -8.99 -17.28 6.04
CA PRO A 144 -8.86 -17.43 4.57
C PRO A 144 -9.06 -16.12 3.83
N HIS A 145 -10.00 -15.30 4.29
CA HIS A 145 -10.28 -13.99 3.67
C HIS A 145 -9.08 -13.07 3.83
N ALA A 146 -8.55 -12.98 5.05
CA ALA A 146 -7.36 -12.17 5.29
C ALA A 146 -6.17 -12.68 4.47
N ARG A 147 -6.05 -14.01 4.34
CA ARG A 147 -4.94 -14.61 3.61
C ARG A 147 -4.98 -14.23 2.14
N PHE A 148 -6.17 -14.22 1.55
CA PHE A 148 -6.33 -13.83 0.14
C PHE A 148 -5.78 -12.42 -0.10
N TYR A 149 -6.11 -11.47 0.76
CA TYR A 149 -5.56 -10.12 0.63
C TYR A 149 -4.07 -10.10 0.95
N ALA A 150 -3.64 -10.79 2.01
CA ALA A 150 -2.25 -10.78 2.40
C ALA A 150 -1.35 -11.29 1.28
N ALA A 151 -1.80 -12.33 0.57
CA ALA A 151 -0.99 -12.89 -0.50
C ALA A 151 -0.70 -11.84 -1.58
N GLN A 152 -1.68 -11.01 -1.88
CA GLN A 152 -1.51 -9.96 -2.87
C GLN A 152 -0.48 -8.94 -2.41
N ILE A 153 -0.49 -8.59 -1.13
CA ILE A 153 0.52 -7.69 -0.60
C ILE A 153 1.91 -8.30 -0.65
N VAL A 154 2.04 -9.58 -0.28
CA VAL A 154 3.33 -10.25 -0.33
C VAL A 154 3.90 -10.18 -1.75
N LEU A 155 3.09 -10.49 -2.76
CA LEU A 155 3.59 -10.44 -4.14
C LEU A 155 3.93 -9.01 -4.56
N THR A 156 3.12 -8.05 -4.13
CA THR A 156 3.37 -6.66 -4.48
C THR A 156 4.68 -6.16 -3.87
N PHE A 157 4.94 -6.52 -2.61
CA PHE A 157 6.20 -6.12 -1.99
C PHE A 157 7.37 -6.89 -2.58
N GLU A 158 7.16 -8.15 -2.97
CA GLU A 158 8.24 -8.87 -3.64
C GLU A 158 8.64 -8.13 -4.92
N TYR A 159 7.65 -7.67 -5.68
CA TYR A 159 7.89 -6.88 -6.88
C TYR A 159 8.58 -5.55 -6.54
N LEU A 160 8.00 -4.77 -5.64
CA LEU A 160 8.54 -3.44 -5.37
C LEU A 160 9.97 -3.53 -4.83
N HIS A 161 10.19 -4.41 -3.86
CA HIS A 161 11.51 -4.50 -3.24
C HIS A 161 12.57 -4.97 -4.24
N SER A 162 12.17 -5.79 -5.23
CA SER A 162 13.14 -6.23 -6.25
C SER A 162 13.62 -5.04 -7.08
N LEU A 163 12.80 -4.00 -7.19
CA LEU A 163 13.14 -2.75 -7.88
C LEU A 163 13.81 -1.75 -6.96
N ASP A 164 14.13 -2.15 -5.73
CA ASP A 164 14.71 -1.27 -4.71
C ASP A 164 13.73 -0.18 -4.30
N LEU A 165 12.44 -0.45 -4.38
CA LEU A 165 11.40 0.47 -3.93
C LEU A 165 10.85 0.03 -2.58
N ILE A 166 10.83 0.95 -1.63
N ILE A 166 10.86 0.93 -1.63
CA ILE A 166 10.17 0.76 -0.35
CA ILE A 166 10.15 0.70 -0.38
C ILE A 166 8.84 1.50 -0.41
C ILE A 166 8.84 1.45 -0.46
N TYR A 167 7.80 0.91 0.19
CA TYR A 167 6.45 1.47 0.09
C TYR A 167 6.12 2.42 1.23
N ARG A 168 6.25 1.97 2.47
CA ARG A 168 6.22 2.80 3.66
C ARG A 168 4.87 3.36 4.07
N ASP A 169 3.76 2.91 3.51
CA ASP A 169 2.47 3.32 4.07
C ASP A 169 1.39 2.25 3.91
N LEU A 170 1.73 1.00 4.22
CA LEU A 170 0.72 -0.04 4.19
C LEU A 170 -0.31 0.17 5.30
N LYS A 171 -1.59 0.10 4.96
CA LYS A 171 -2.70 0.14 5.90
C LYS A 171 -3.99 -0.08 5.12
N PRO A 172 -5.07 -0.53 5.80
CA PRO A 172 -6.30 -0.81 5.04
C PRO A 172 -6.89 0.40 4.34
N GLU A 173 -6.63 1.62 4.83
CA GLU A 173 -7.09 2.85 4.21
C GLU A 173 -6.53 3.01 2.80
N ASN A 174 -5.36 2.44 2.53
CA ASN A 174 -4.67 2.61 1.26
C ASN A 174 -4.82 1.41 0.33
N LEU A 175 -5.72 0.50 0.64
CA LEU A 175 -5.94 -0.70 -0.17
C LEU A 175 -7.38 -0.64 -0.68
N LEU A 176 -7.54 -0.50 -1.99
CA LEU A 176 -8.84 -0.41 -2.61
C LEU A 176 -9.25 -1.77 -3.17
N ILE A 177 -10.54 -2.06 -3.14
CA ILE A 177 -11.07 -3.32 -3.64
C ILE A 177 -11.65 -3.08 -5.02
N ASP A 178 -11.21 -3.86 -6.01
CA ASP A 178 -11.65 -3.66 -7.38
C ASP A 178 -12.90 -4.49 -7.67
N GLN A 179 -13.38 -4.37 -8.91
CA GLN A 179 -14.64 -5.01 -9.26
C GLN A 179 -14.59 -6.52 -9.18
N GLN A 180 -13.39 -7.12 -9.19
CA GLN A 180 -13.26 -8.57 -9.04
C GLN A 180 -12.92 -8.99 -7.62
N GLY A 181 -12.89 -8.06 -6.68
CA GLY A 181 -12.56 -8.39 -5.32
C GLY A 181 -11.07 -8.41 -5.00
N TYR A 182 -10.22 -8.02 -5.95
CA TYR A 182 -8.77 -7.96 -5.73
C TYR A 182 -8.35 -6.57 -5.26
N ILE A 183 -7.11 -6.49 -4.74
CA ILE A 183 -6.58 -5.27 -4.14
C ILE A 183 -5.88 -4.40 -5.17
N GLN A 184 -6.05 -3.10 -5.00
CA GLN A 184 -5.24 -2.08 -5.65
C GLN A 184 -4.58 -1.22 -4.57
N VAL A 185 -3.26 -1.20 -4.54
CA VAL A 185 -2.51 -0.37 -3.60
C VAL A 185 -2.43 1.03 -4.17
N THR A 186 -2.78 2.01 -3.34
CA THR A 186 -2.72 3.43 -3.67
C THR A 186 -1.78 4.14 -2.69
N ASP A 187 -1.54 5.41 -2.92
CA ASP A 187 -0.84 6.28 -1.99
C ASP A 187 0.65 5.96 -1.94
N PHE A 188 1.37 6.38 -2.98
CA PHE A 188 2.82 6.19 -3.09
C PHE A 188 3.61 7.40 -2.61
N GLY A 189 3.00 8.26 -1.79
CA GLY A 189 3.67 9.48 -1.36
C GLY A 189 4.94 9.23 -0.54
N PHE A 190 5.02 8.09 0.14
CA PHE A 190 6.23 7.77 0.89
C PHE A 190 7.08 6.72 0.21
N ALA A 191 6.69 6.26 -0.98
CA ALA A 191 7.48 5.28 -1.69
C ALA A 191 8.77 5.92 -2.17
N LYS A 192 9.85 5.14 -2.15
CA LYS A 192 11.15 5.70 -2.42
C LYS A 192 12.06 4.62 -2.97
N ARG A 193 12.91 5.01 -3.92
CA ARG A 193 13.99 4.14 -4.38
C ARG A 193 15.11 4.18 -3.35
N VAL A 194 15.39 3.03 -2.74
CA VAL A 194 16.31 2.90 -1.61
C VAL A 194 17.10 1.62 -1.82
N LYS A 195 18.42 1.73 -1.99
CA LYS A 195 19.24 0.53 -2.19
C LYS A 195 19.47 -0.21 -0.88
N GLY A 196 19.74 0.55 0.18
CA GLY A 196 20.04 0.01 1.48
C GLY A 196 19.22 0.69 2.56
N ARG A 197 19.83 1.66 3.24
CA ARG A 197 19.17 2.38 4.33
C ARG A 197 18.54 3.69 3.86
N THR A 198 17.52 4.11 4.60
CA THR A 198 16.98 5.47 4.49
C THR A 198 16.61 5.93 5.89
N TRP A 199 16.35 7.23 6.05
CA TRP A 199 16.26 7.82 7.39
C TRP A 199 15.01 8.67 7.71
N LEU A 201 11.60 9.98 8.98
CA LEU A 201 10.58 9.54 9.92
C LEU A 201 9.22 9.77 9.27
N CYS A 202 8.61 8.75 8.69
CA CYS A 202 7.33 8.91 8.03
C CYS A 202 6.60 7.57 8.04
N GLY A 203 5.28 7.62 7.88
CA GLY A 203 4.39 6.49 7.87
C GLY A 203 3.19 6.78 8.72
N THR A 204 2.48 5.74 9.14
CA THR A 204 1.30 5.89 9.96
C THR A 204 1.55 5.22 11.29
N PRO A 205 1.30 5.88 12.42
CA PRO A 205 1.76 5.39 13.72
C PRO A 205 1.58 3.90 13.99
N GLU A 206 0.36 3.37 13.84
CA GLU A 206 0.08 1.98 14.17
C GLU A 206 0.91 1.00 13.34
N TYR A 207 1.39 1.43 12.17
CA TYR A 207 2.07 0.57 11.22
C TYR A 207 3.59 0.75 11.19
N LEU A 208 4.14 1.65 12.02
CA LEU A 208 5.57 1.94 12.03
C LEU A 208 6.37 0.83 12.70
N ALA A 209 7.44 0.38 12.04
CA ALA A 209 8.35 -0.56 12.66
C ALA A 209 9.13 0.13 13.78
N PRO A 210 9.60 -0.63 14.77
CA PRO A 210 10.34 -0.02 15.88
C PRO A 210 11.54 0.79 15.44
N GLU A 211 12.27 0.32 14.43
CA GLU A 211 13.47 1.03 14.00
C GLU A 211 13.15 2.41 13.41
N ILE A 212 11.95 2.62 12.84
CA ILE A 212 11.58 3.98 12.43
C ILE A 212 11.40 4.86 13.66
N ILE A 213 10.61 4.39 14.63
CA ILE A 213 10.33 5.16 15.85
C ILE A 213 11.60 5.50 16.59
N LEU A 214 12.59 4.60 16.55
CA LEU A 214 13.85 4.78 17.26
C LEU A 214 14.87 5.57 16.45
N SER A 215 14.46 6.16 15.33
CA SER A 215 15.32 7.06 14.57
C SER A 215 16.59 6.37 14.08
N LYS A 216 16.46 5.12 13.69
CA LYS A 216 17.56 4.38 13.08
C LYS A 216 17.44 4.48 11.58
N GLY A 217 18.59 4.39 10.91
CA GLY A 217 18.56 4.12 9.50
C GLY A 217 17.89 2.78 9.32
N TYR A 218 16.92 2.71 8.42
CA TYR A 218 16.16 1.48 8.26
C TYR A 218 16.07 1.10 6.79
N ASN A 219 15.58 -0.12 6.56
CA ASN A 219 15.54 -0.67 5.20
C ASN A 219 14.15 -1.19 4.85
N LYS A 220 14.07 -1.94 3.75
CA LYS A 220 12.79 -2.43 3.24
C LYS A 220 12.07 -3.36 4.21
N ALA A 221 12.77 -3.88 5.23
CA ALA A 221 12.10 -4.72 6.21
C ALA A 221 11.01 -4.00 7.00
N VAL A 222 10.97 -2.66 6.97
CA VAL A 222 9.85 -1.97 7.61
C VAL A 222 8.53 -2.33 6.93
N ASP A 223 8.56 -2.64 5.63
CA ASP A 223 7.34 -3.04 4.93
C ASP A 223 6.88 -4.41 5.41
N TRP A 224 7.81 -5.31 5.74
CA TRP A 224 7.42 -6.63 6.22
C TRP A 224 6.85 -6.56 7.62
N TRP A 225 7.41 -5.69 8.48
CA TRP A 225 6.77 -5.40 9.76
C TRP A 225 5.33 -4.91 9.53
N ALA A 226 5.16 -3.94 8.64
CA ALA A 226 3.83 -3.40 8.38
C ALA A 226 2.87 -4.48 7.87
N LEU A 227 3.36 -5.44 7.07
CA LEU A 227 2.52 -6.54 6.65
C LEU A 227 2.02 -7.32 7.86
N GLY A 228 2.88 -7.54 8.85
CA GLY A 228 2.44 -8.18 10.09
C GLY A 228 1.33 -7.41 10.77
N VAL A 229 1.44 -6.08 10.82
CA VAL A 229 0.39 -5.26 11.40
C VAL A 229 -0.90 -5.42 10.62
N LEU A 230 -0.80 -5.39 9.28
CA LEU A 230 -1.98 -5.49 8.43
C LEU A 230 -2.68 -6.83 8.62
N ILE A 231 -1.91 -7.93 8.58
CA ILE A 231 -2.52 -9.25 8.73
C ILE A 231 -3.20 -9.36 10.09
N TYR A 232 -2.51 -8.91 11.15
CA TYR A 232 -3.13 -8.90 12.47
C TYR A 232 -4.44 -8.11 12.45
N GLU A 233 -4.43 -6.90 11.90
CA GLU A 233 -5.64 -6.08 11.93
C GLU A 233 -6.75 -6.71 11.11
N MET A 234 -6.43 -7.26 9.94
CA MET A 234 -7.46 -7.91 9.14
C MET A 234 -8.12 -9.05 9.91
N ALA A 235 -7.31 -9.86 10.62
CA ALA A 235 -7.81 -11.06 11.27
C ALA A 235 -8.42 -10.78 12.65
N ALA A 236 -7.99 -9.71 13.32
CA ALA A 236 -8.50 -9.36 14.65
C ALA A 236 -9.59 -8.31 14.61
N GLY A 237 -9.52 -7.36 13.68
CA GLY A 237 -10.39 -6.21 13.62
C GLY A 237 -9.78 -4.95 14.17
N TYR A 238 -8.63 -5.05 14.81
CA TYR A 238 -7.90 -3.93 15.39
C TYR A 238 -6.42 -4.28 15.32
N PRO A 239 -5.53 -3.29 15.31
CA PRO A 239 -4.12 -3.58 15.13
C PRO A 239 -3.46 -4.00 16.43
N PRO A 240 -2.24 -4.53 16.35
CA PRO A 240 -1.60 -5.12 17.54
C PRO A 240 -1.09 -4.11 18.55
N PHE A 241 -0.85 -2.88 18.14
CA PHE A 241 -0.35 -1.82 19.01
C PHE A 241 -1.37 -0.69 18.89
N PHE A 242 -2.24 -0.59 19.88
CA PHE A 242 -3.52 0.10 19.78
C PHE A 242 -3.67 1.00 21.00
N ALA A 243 -3.76 2.31 20.75
CA ALA A 243 -3.93 3.28 21.82
C ALA A 243 -4.44 4.59 21.21
N ASP A 244 -4.96 5.45 22.07
CA ASP A 244 -5.63 6.64 21.57
C ASP A 244 -4.65 7.68 21.01
N GLN A 245 -3.42 7.74 21.54
CA GLN A 245 -2.48 8.77 21.11
C GLN A 245 -1.21 8.17 20.53
N PRO A 246 -0.61 8.83 19.51
CA PRO A 246 0.63 8.31 18.92
C PRO A 246 1.74 7.96 19.91
N ILE A 247 2.03 8.80 20.90
CA ILE A 247 3.11 8.48 21.83
C ILE A 247 2.87 7.13 22.50
N GLN A 248 1.63 6.86 22.89
CA GLN A 248 1.32 5.58 23.52
C GLN A 248 1.45 4.42 22.53
N ILE A 249 1.07 4.64 21.27
CA ILE A 249 1.27 3.62 20.25
C ILE A 249 2.74 3.30 20.11
N TYR A 250 3.58 4.33 20.06
CA TYR A 250 5.02 4.13 19.86
C TYR A 250 5.62 3.31 20.99
N GLU A 251 5.21 3.60 22.23
CA GLU A 251 5.75 2.86 23.37
C GLU A 251 5.39 1.38 23.27
N LYS A 252 4.17 1.06 22.83
CA LYS A 252 3.80 -0.35 22.67
C LYS A 252 4.60 -1.01 21.57
N ILE A 253 4.84 -0.31 20.46
CA ILE A 253 5.58 -0.91 19.35
C ILE A 253 6.99 -1.27 19.79
N VAL A 254 7.65 -0.35 20.50
CA VAL A 254 9.06 -0.53 20.86
C VAL A 254 9.23 -1.60 21.92
N SER A 255 8.25 -1.77 22.81
CA SER A 255 8.27 -2.93 23.68
C SER A 255 8.23 -4.20 22.84
N GLY A 256 7.41 -4.20 21.79
CA GLY A 256 7.25 -5.33 20.90
C GLY A 256 6.41 -6.44 21.45
N LYS A 257 5.93 -6.34 22.69
CA LYS A 257 5.05 -7.36 23.21
C LYS A 257 3.78 -7.36 22.37
N VAL A 258 3.42 -8.52 21.83
CA VAL A 258 2.19 -8.68 21.08
C VAL A 258 1.36 -9.76 21.76
N ARG A 259 0.08 -9.48 21.91
CA ARG A 259 -0.89 -10.43 22.38
C ARG A 259 -1.87 -10.69 21.25
N PHE A 260 -2.37 -11.90 21.20
CA PHE A 260 -3.19 -12.35 20.09
C PHE A 260 -4.58 -12.75 20.57
N PRO A 261 -5.62 -12.50 19.76
CA PRO A 261 -6.94 -13.04 20.10
C PRO A 261 -6.91 -14.56 20.20
N SER A 262 -7.77 -15.09 21.07
CA SER A 262 -7.81 -16.54 21.26
C SER A 262 -8.26 -17.28 20.00
N HIS A 263 -8.91 -16.60 19.05
CA HIS A 263 -9.35 -17.26 17.84
C HIS A 263 -8.28 -17.32 16.76
N PHE A 264 -7.12 -16.68 16.94
CA PHE A 264 -6.05 -16.81 15.96
C PHE A 264 -5.51 -18.24 15.97
N SER A 265 -5.34 -18.80 14.79
CA SER A 265 -4.69 -20.10 14.69
C SER A 265 -3.23 -20.00 15.09
N SER A 266 -2.66 -21.14 15.50
N SER A 266 -2.67 -21.13 15.51
CA SER A 266 -1.25 -21.18 15.86
CA SER A 266 -1.25 -21.15 15.85
C SER A 266 -0.35 -20.89 14.65
C SER A 266 -0.38 -20.82 14.64
N ASP A 267 -0.76 -21.31 13.45
CA ASP A 267 0.00 -20.96 12.25
C ASP A 267 0.04 -19.44 12.07
N LEU A 268 -1.10 -18.77 12.27
CA LEU A 268 -1.12 -17.32 12.11
C LEU A 268 -0.24 -16.66 13.16
N LYS A 269 -0.35 -17.08 14.43
CA LYS A 269 0.47 -16.48 15.47
C LYS A 269 1.95 -16.66 15.15
N ASP A 270 2.35 -17.84 14.66
CA ASP A 270 3.76 -18.04 14.32
C ASP A 270 4.21 -17.07 13.23
N LEU A 271 3.43 -16.95 12.16
CA LEU A 271 3.78 -16.00 11.10
C LEU A 271 3.92 -14.59 11.67
N LEU A 272 2.96 -14.17 12.49
CA LEU A 272 2.96 -12.81 13.00
C LEU A 272 4.13 -12.56 13.96
N ARG A 273 4.51 -13.55 14.77
CA ARG A 273 5.67 -13.37 15.64
C ARG A 273 6.94 -13.16 14.83
N ASN A 274 7.00 -13.76 13.63
CA ASN A 274 8.17 -13.64 12.77
C ASN A 274 8.17 -12.37 11.92
N LEU A 275 7.00 -11.79 11.65
CA LEU A 275 6.93 -10.49 10.98
C LEU A 275 7.07 -9.33 11.96
N LEU A 276 6.37 -9.41 13.10
CA LEU A 276 6.41 -8.40 14.17
C LEU A 276 7.58 -8.66 15.10
N GLN A 277 8.74 -8.80 14.49
CA GLN A 277 9.97 -9.18 15.17
C GLN A 277 10.85 -7.94 15.26
N VAL A 278 11.14 -7.52 16.50
N VAL A 278 11.13 -7.50 16.49
CA VAL A 278 11.94 -6.32 16.72
CA VAL A 278 11.95 -6.30 16.65
C VAL A 278 13.39 -6.52 16.28
C VAL A 278 13.37 -6.54 16.16
N ASP A 279 13.90 -7.74 16.36
CA ASP A 279 15.28 -8.04 16.04
C ASP A 279 15.39 -8.26 14.54
N LEU A 280 16.06 -7.34 13.83
CA LEU A 280 16.12 -7.41 12.38
C LEU A 280 16.85 -8.64 11.88
N THR A 281 17.72 -9.23 12.70
CA THR A 281 18.41 -10.46 12.30
C THR A 281 17.49 -11.67 12.30
N LYS A 282 16.27 -11.51 12.79
CA LYS A 282 15.29 -12.59 12.88
C LYS A 282 14.00 -12.31 12.12
N ARG A 283 13.79 -11.11 11.60
CA ARG A 283 12.51 -10.77 10.99
C ARG A 283 12.36 -11.39 9.61
N PHE A 284 11.24 -12.08 9.41
CA PHE A 284 10.94 -12.62 8.08
C PHE A 284 10.87 -11.51 7.05
N GLY A 285 11.40 -11.80 5.85
CA GLY A 285 11.58 -10.83 4.80
C GLY A 285 12.92 -10.15 4.84
N ASN A 286 13.69 -10.35 5.92
CA ASN A 286 14.99 -9.72 6.08
C ASN A 286 16.11 -10.73 6.24
N LEU A 287 15.86 -12.00 5.94
CA LEU A 287 16.83 -13.07 6.15
C LEU A 287 17.38 -13.56 4.82
N LYS A 288 18.32 -14.51 4.91
CA LYS A 288 18.98 -15.03 3.72
C LYS A 288 17.98 -15.57 2.70
N ASN A 289 16.91 -16.20 3.18
CA ASN A 289 15.90 -16.81 2.31
C ASN A 289 14.86 -15.80 1.81
N GLY A 290 15.01 -14.53 2.20
CA GLY A 290 14.21 -13.48 1.60
C GLY A 290 12.72 -13.67 1.75
N VAL A 291 11.99 -13.39 0.66
CA VAL A 291 10.53 -13.44 0.69
C VAL A 291 10.05 -14.87 0.84
N ASN A 292 10.90 -15.85 0.53
CA ASN A 292 10.47 -17.23 0.60
C ASN A 292 10.16 -17.68 2.02
N ASP A 293 10.77 -17.07 3.04
CA ASP A 293 10.38 -17.41 4.41
C ASP A 293 8.90 -17.12 4.64
N ILE A 294 8.39 -16.07 3.99
CA ILE A 294 6.97 -15.74 4.10
C ILE A 294 6.13 -16.63 3.20
N LYS A 295 6.50 -16.72 1.91
CA LYS A 295 5.66 -17.44 0.96
C LYS A 295 5.57 -18.92 1.30
N ASN A 296 6.58 -19.50 1.93
CA ASN A 296 6.59 -20.92 2.25
C ASN A 296 6.14 -21.22 3.68
N HIS A 297 5.68 -20.20 4.40
CA HIS A 297 5.21 -20.42 5.75
C HIS A 297 3.92 -21.26 5.74
N LYS A 298 3.72 -22.05 6.80
CA LYS A 298 2.54 -22.91 6.93
C LYS A 298 1.22 -22.14 6.75
N TRP A 299 1.15 -20.89 7.21
CA TRP A 299 -0.11 -20.17 7.09
C TRP A 299 -0.50 -19.95 5.64
N PHE A 300 0.48 -19.92 4.73
CA PHE A 300 0.25 -19.74 3.30
C PHE A 300 0.28 -21.07 2.54
N ALA A 301 0.24 -22.20 3.22
CA ALA A 301 0.39 -23.48 2.53
C ALA A 301 -0.69 -23.73 1.47
N THR A 302 -1.89 -23.19 1.65
CA THR A 302 -2.98 -23.35 0.68
C THR A 302 -2.95 -22.31 -0.44
N THR A 303 -2.00 -21.38 -0.41
CA THR A 303 -1.97 -20.27 -1.36
C THR A 303 -1.26 -20.71 -2.64
N ASP A 304 -1.97 -20.59 -3.75
CA ASP A 304 -1.42 -20.78 -5.09
C ASP A 304 -0.96 -19.41 -5.59
N TRP A 305 0.33 -19.14 -5.42
CA TRP A 305 0.86 -17.81 -5.69
C TRP A 305 0.64 -17.38 -7.14
N ILE A 306 0.83 -18.29 -8.10
CA ILE A 306 0.60 -17.93 -9.49
C ILE A 306 -0.86 -17.64 -9.74
N ALA A 307 -1.76 -18.44 -9.16
CA ALA A 307 -3.19 -18.21 -9.38
C ALA A 307 -3.61 -16.86 -8.81
N ILE A 308 -3.06 -16.47 -7.66
CA ILE A 308 -3.31 -15.13 -7.12
C ILE A 308 -2.84 -14.06 -8.11
N TYR A 309 -1.59 -14.18 -8.57
CA TYR A 309 -1.05 -13.23 -9.54
C TYR A 309 -1.93 -13.12 -10.77
N GLN A 310 -2.42 -14.26 -11.28
CA GLN A 310 -3.29 -14.33 -12.46
C GLN A 310 -4.73 -13.93 -12.18
N ARG A 311 -5.06 -13.66 -10.93
CA ARG A 311 -6.40 -13.24 -10.54
C ARG A 311 -7.42 -14.33 -10.86
N LYS A 312 -7.02 -15.58 -10.69
CA LYS A 312 -7.88 -16.73 -10.98
C LYS A 312 -8.47 -17.38 -9.74
N VAL A 313 -8.10 -16.90 -8.55
CA VAL A 313 -8.71 -17.38 -7.32
C VAL A 313 -10.02 -16.63 -7.11
N GLU A 314 -11.07 -17.35 -6.73
CA GLU A 314 -12.34 -16.70 -6.45
C GLU A 314 -12.19 -15.81 -5.23
N ALA A 315 -12.57 -14.55 -5.37
CA ALA A 315 -12.41 -13.63 -4.27
C ALA A 315 -13.44 -13.90 -3.18
N PRO A 316 -13.09 -13.67 -1.92
CA PRO A 316 -14.04 -13.89 -0.83
C PRO A 316 -15.19 -12.91 -0.83
N PHE A 317 -15.04 -11.77 -1.48
CA PHE A 317 -16.00 -10.68 -1.40
C PHE A 317 -15.93 -9.90 -2.70
N ILE A 318 -17.07 -9.69 -3.35
CA ILE A 318 -17.16 -8.90 -4.57
C ILE A 318 -18.01 -7.68 -4.27
N PRO A 319 -17.45 -6.47 -4.29
CA PRO A 319 -18.27 -5.29 -3.96
C PRO A 319 -19.43 -5.16 -4.93
N LYS A 320 -20.53 -4.59 -4.45
CA LYS A 320 -21.62 -4.27 -5.35
C LYS A 320 -21.23 -3.08 -6.22
N PHE A 321 -21.59 -3.15 -7.51
CA PHE A 321 -21.29 -2.08 -8.45
C PHE A 321 -22.53 -1.85 -9.29
N LYS A 322 -22.99 -0.60 -9.34
CA LYS A 322 -24.23 -0.24 -10.03
C LYS A 322 -24.00 0.55 -11.31
N GLY A 323 -22.77 0.97 -11.59
CA GLY A 323 -22.48 1.76 -12.76
C GLY A 323 -21.06 2.29 -12.70
N PRO A 324 -20.53 2.77 -13.83
CA PRO A 324 -19.10 3.14 -13.85
C PRO A 324 -18.72 4.31 -12.95
N GLY A 325 -19.64 5.24 -12.68
CA GLY A 325 -19.37 6.35 -11.79
C GLY A 325 -19.96 6.20 -10.40
N ASP A 326 -20.42 5.01 -10.04
CA ASP A 326 -21.05 4.83 -8.74
C ASP A 326 -20.03 4.99 -7.63
N THR A 327 -20.43 5.70 -6.58
CA THR A 327 -19.60 5.94 -5.41
C THR A 327 -20.19 5.36 -4.13
N SER A 328 -21.11 4.40 -4.24
CA SER A 328 -21.81 3.88 -3.06
C SER A 328 -20.89 3.21 -2.06
N ASN A 329 -19.70 2.76 -2.47
CA ASN A 329 -18.78 2.06 -1.58
C ASN A 329 -17.83 3.01 -0.86
N PHE A 330 -18.01 4.32 -1.02
CA PHE A 330 -17.17 5.31 -0.40
C PHE A 330 -17.98 6.15 0.59
N ASP A 331 -17.29 6.56 1.65
CA ASP A 331 -17.89 7.47 2.61
C ASP A 331 -17.96 8.88 2.02
N ASP A 332 -18.76 9.73 2.65
CA ASP A 332 -18.90 11.11 2.22
C ASP A 332 -17.92 12.01 2.96
N TYR A 333 -17.44 13.03 2.24
CA TYR A 333 -16.52 14.02 2.76
C TYR A 333 -17.03 15.40 2.40
N GLU A 334 -16.58 16.40 3.16
CA GLU A 334 -16.91 17.78 2.86
C GLU A 334 -16.27 18.18 1.54
N GLU A 335 -17.06 18.80 0.67
CA GLU A 335 -16.61 19.20 -0.66
C GLU A 335 -16.08 20.62 -0.61
N GLU A 336 -14.86 20.82 -1.13
CA GLU A 336 -14.22 22.13 -1.19
C GLU A 336 -13.89 22.42 -2.65
N GLU A 337 -14.30 23.60 -3.14
CA GLU A 337 -14.06 23.95 -4.53
C GLU A 337 -12.56 24.05 -4.79
N ILE A 338 -12.15 23.67 -6.00
CA ILE A 338 -10.74 23.66 -6.38
C ILE A 338 -10.41 25.04 -6.93
N ARG A 339 -9.72 25.85 -6.14
CA ARG A 339 -9.36 27.22 -6.53
C ARG A 339 -7.97 27.24 -7.13
N VAL A 340 -7.84 27.88 -8.30
CA VAL A 340 -6.56 28.03 -8.99
C VAL A 340 -6.17 29.51 -9.04
N ILE A 342 -4.23 33.08 -9.86
CA ILE A 342 -3.81 33.70 -11.11
C ILE A 342 -2.29 33.84 -11.20
N ASN A 343 -1.59 33.58 -10.09
CA ASN A 343 -0.13 33.65 -10.05
C ASN A 343 0.45 32.27 -9.78
N GLU A 344 1.56 31.96 -10.46
CA GLU A 344 2.20 30.67 -10.30
C GLU A 344 2.88 30.58 -8.93
N LYS A 345 2.60 29.51 -8.21
CA LYS A 345 3.20 29.29 -6.90
C LYS A 345 4.22 28.16 -7.00
N CYS A 346 5.40 28.38 -6.39
CA CYS A 346 6.39 27.33 -6.20
C CYS A 346 6.84 26.72 -7.54
N GLY A 347 6.99 27.57 -8.56
CA GLY A 347 7.39 27.07 -9.87
C GLY A 347 8.75 26.38 -9.85
N LYS A 348 9.73 26.97 -9.18
CA LYS A 348 11.07 26.38 -9.14
C LYS A 348 11.07 25.05 -8.40
N GLU A 349 10.34 24.97 -7.29
CA GLU A 349 10.33 23.75 -6.50
C GLU A 349 9.82 22.56 -7.29
N PHE A 350 8.88 22.77 -8.23
CA PHE A 350 8.18 21.67 -8.89
C PHE A 350 8.47 21.62 -10.40
N THR A 351 9.60 22.16 -10.85
CA THR A 351 9.93 22.15 -12.27
C THR A 351 9.97 20.73 -12.84
N GLU A 352 10.38 19.75 -12.03
CA GLU A 352 10.52 18.39 -12.51
C GLU A 352 9.21 17.60 -12.51
N PHE A 353 8.15 18.14 -11.93
CA PHE A 353 6.89 17.41 -11.87
C PHE A 353 6.18 17.45 -13.21
N ALA B 3 -8.59 0.63 24.43
CA ALA B 3 -8.98 1.85 23.74
C ALA B 3 -7.95 2.21 22.66
N GLY B 4 -8.42 2.56 21.47
CA GLY B 4 -7.51 2.98 20.41
C GLY B 4 -8.28 3.63 19.28
N ARG B 5 -7.55 3.99 18.24
CA ARG B 5 -8.11 4.79 17.16
C ARG B 5 -8.86 3.91 16.18
N THR B 6 -10.16 4.15 16.01
CA THR B 6 -10.98 3.33 15.12
C THR B 6 -11.29 3.99 13.79
N GLY B 7 -11.05 5.28 13.65
CA GLY B 7 -11.29 5.98 12.42
C GLY B 7 -10.07 5.94 11.50
N ARG B 8 -10.23 6.57 10.35
CA ARG B 8 -9.13 6.62 9.39
C ARG B 8 -7.92 7.30 10.01
N ARG B 9 -6.74 6.74 9.74
CA ARG B 9 -5.49 7.17 10.37
C ARG B 9 -4.65 7.90 9.34
N GLN B 10 -4.25 9.12 9.67
CA GLN B 10 -3.47 9.93 8.76
C GLN B 10 -1.99 9.59 8.89
N ALA B 11 -1.27 9.69 7.78
CA ALA B 11 0.17 9.54 7.83
C ALA B 11 0.79 10.73 8.56
N ILE B 12 1.95 10.47 9.14
CA ILE B 12 2.77 11.49 9.78
C ILE B 12 4.03 11.69 8.95
N HIS B 13 4.47 12.94 8.87
CA HIS B 13 5.67 13.28 8.12
C HIS B 13 6.88 13.45 9.01
N ASP B 14 6.69 13.47 10.33
CA ASP B 14 7.80 13.60 11.26
C ASP B 14 7.33 13.23 12.66
N ILE B 15 8.27 12.73 13.47
CA ILE B 15 8.02 12.46 14.88
C ILE B 15 8.82 13.43 15.73
#